data_2X1I
#
_entry.id   2X1I
#
_cell.length_a   104.357
_cell.length_b   104.357
_cell.length_c   263.759
_cell.angle_alpha   90.00
_cell.angle_beta   90.00
_cell.angle_gamma   120.00
#
_symmetry.space_group_name_H-M   'P 65 2 2'
#
loop_
_entity.id
_entity.type
_entity.pdbx_description
1 polymer 4-ALPHA-GLUCANOTRANSFERASE
2 non-polymer 'PHOSPHATE ION'
3 non-polymer 'SULFATE ION'
4 non-polymer 1,2,3,4,5,6-HEXAHYDROXY-CYCLOHEXANE
5 water water
#
_entity_poly.entity_id   1
_entity_poly.type   'polypeptide(L)'
_entity_poly.pdbx_seq_one_letter_code
;MELPCAYGLLLHPTSLPGPWGVGVLGEEARGFLRFLKEAGARYWQVLPLGPTGYGDSPYQSFSAFAGNPYLIDLRPLVDR
GFVRLEDPGFPEGRVDYGLLYAWKWPALRAAFQGFRQKASPEEKEDFARFQEEEAWWLRDYALFMTLKSHHGGLPWNAWP
LALRTREERALKEAEASLAEEIAFHAFTQWLFFRQWGALKEEAEALGIAFIGDMPIFVAEDSAEVWAHPEWFHLDEEGRP
TVVAGVPPDYFSETGQRWGNPLYRWEVLEEEGFSFWIARLRKALELFHLVRIDHFRGFEAYWEIPASCPTAVEGRWVKAP
GEKLFARIQEAFGRIPILAEDLGVITPEVEALRDRFGLPGMKVLQFAFDNGMENPFLPHNYPEHGRVVVYTGTHDNDTTL
GWYRTATPHERDFLKRYLADWGITFREEAEVPWALMRLGMASRARLAVYPVQDVLALGSEARMNYPGRPSGNWAWRLRPG
EIKEEHGERLLSLAEATGRV
;
_entity_poly.pdbx_strand_id   A
#
# COMPACT_ATOMS: atom_id res chain seq x y z
N PRO A 4 -17.16 5.34 -18.54
CA PRO A 4 -17.91 4.85 -17.37
C PRO A 4 -17.91 3.31 -17.33
N CYS A 5 -16.72 2.72 -17.23
CA CYS A 5 -16.61 1.26 -17.22
C CYS A 5 -16.92 0.58 -15.89
N ALA A 6 -16.19 0.92 -14.83
CA ALA A 6 -16.42 0.26 -13.54
C ALA A 6 -16.07 1.09 -12.31
N TYR A 7 -16.18 0.45 -11.14
CA TYR A 7 -15.88 1.07 -9.86
C TYR A 7 -15.47 -0.01 -8.87
N GLY A 8 -14.70 0.36 -7.86
CA GLY A 8 -14.27 -0.60 -6.85
C GLY A 8 -14.19 0.10 -5.50
N LEU A 9 -13.76 -0.64 -4.48
CA LEU A 9 -13.64 -0.05 -3.15
C LEU A 9 -12.22 -0.16 -2.60
N LEU A 10 -11.86 0.82 -1.78
CA LEU A 10 -10.54 0.87 -1.14
C LEU A 10 -10.66 0.47 0.31
N LEU A 11 -9.98 -0.62 0.68
CA LEU A 11 -10.01 -1.12 2.05
C LEU A 11 -8.75 -1.94 2.32
N HIS A 12 -7.88 -1.43 3.18
CA HIS A 12 -6.67 -2.16 3.49
C HIS A 12 -7.12 -3.36 4.30
N PRO A 13 -6.53 -4.54 4.04
CA PRO A 13 -6.85 -5.78 4.72
C PRO A 13 -6.88 -5.71 6.27
N THR A 14 -6.06 -4.84 6.83
CA THR A 14 -6.02 -4.68 8.27
C THR A 14 -7.34 -4.11 8.82
N SER A 15 -8.08 -3.42 7.95
CA SER A 15 -9.35 -2.81 8.35
C SER A 15 -10.51 -3.80 8.44
N LEU A 16 -10.33 -4.99 7.89
CA LEU A 16 -11.39 -6.00 7.93
C LEU A 16 -11.76 -6.28 9.38
N PRO A 17 -13.03 -6.61 9.64
CA PRO A 17 -13.43 -6.90 11.02
C PRO A 17 -12.98 -8.33 11.32
N GLY A 18 -13.06 -8.74 12.57
CA GLY A 18 -12.64 -10.09 12.89
C GLY A 18 -11.88 -10.24 14.19
N PRO A 19 -11.81 -11.47 14.70
CA PRO A 19 -11.10 -11.69 15.95
C PRO A 19 -9.59 -11.69 15.80
N TRP A 20 -8.91 -11.61 16.93
CA TRP A 20 -7.45 -11.66 17.01
C TRP A 20 -6.62 -10.43 16.63
N GLY A 21 -7.18 -9.24 16.89
CA GLY A 21 -6.47 -7.99 16.68
C GLY A 21 -6.33 -7.25 15.36
N VAL A 22 -6.81 -7.80 14.25
CA VAL A 22 -6.66 -7.11 12.99
C VAL A 22 -7.26 -7.88 11.82
N GLY A 23 -7.58 -7.18 10.74
CA GLY A 23 -8.13 -7.86 9.58
C GLY A 23 -7.09 -8.82 9.04
N VAL A 24 -7.53 -9.99 8.60
CA VAL A 24 -6.62 -10.99 8.05
C VAL A 24 -7.14 -11.57 6.75
N LEU A 25 -6.30 -12.38 6.10
CA LEU A 25 -6.63 -12.98 4.83
C LEU A 25 -7.44 -14.28 5.02
N GLY A 26 -8.60 -14.14 5.66
CA GLY A 26 -9.43 -15.30 5.91
C GLY A 26 -10.88 -15.17 5.49
N GLU A 27 -11.79 -15.61 6.34
CA GLU A 27 -13.20 -15.57 6.03
C GLU A 27 -13.80 -14.18 5.86
N GLU A 28 -13.49 -13.24 6.77
CA GLU A 28 -14.05 -11.90 6.63
C GLU A 28 -13.61 -11.33 5.30
N ALA A 29 -12.36 -11.62 4.92
CA ALA A 29 -11.82 -11.13 3.65
C ALA A 29 -12.63 -11.69 2.50
N ARG A 30 -12.93 -12.99 2.56
CA ARG A 30 -13.72 -13.62 1.51
C ARG A 30 -15.12 -13.02 1.53
N GLY A 31 -15.58 -12.66 2.73
CA GLY A 31 -16.89 -12.06 2.87
C GLY A 31 -16.96 -10.73 2.14
N PHE A 32 -15.88 -9.94 2.28
CA PHE A 32 -15.83 -8.64 1.61
C PHE A 32 -15.88 -8.85 0.10
N LEU A 33 -15.34 -9.98 -0.35
CA LEU A 33 -15.35 -10.28 -1.79
C LEU A 33 -16.79 -10.46 -2.28
N ARG A 34 -17.58 -11.24 -1.55
CA ARG A 34 -18.97 -11.44 -1.93
C ARG A 34 -19.69 -10.10 -1.94
N PHE A 35 -19.48 -9.32 -0.89
CA PHE A 35 -20.10 -8.00 -0.76
C PHE A 35 -19.79 -7.22 -2.03
N LEU A 36 -18.51 -7.14 -2.35
CA LEU A 36 -18.04 -6.44 -3.54
C LEU A 36 -18.79 -6.95 -4.78
N LYS A 37 -18.78 -8.27 -4.98
CA LYS A 37 -19.47 -8.87 -6.11
C LYS A 37 -20.93 -8.45 -6.19
N GLU A 38 -21.69 -8.76 -5.14
CA GLU A 38 -23.11 -8.42 -5.08
C GLU A 38 -23.39 -6.92 -5.10
N ALA A 39 -22.37 -6.10 -4.87
CA ALA A 39 -22.56 -4.66 -4.89
C ALA A 39 -22.25 -4.07 -6.26
N GLY A 40 -21.86 -4.93 -7.20
CA GLY A 40 -21.53 -4.47 -8.53
C GLY A 40 -20.08 -4.06 -8.67
N ALA A 41 -19.35 -4.04 -7.56
CA ALA A 41 -17.95 -3.67 -7.59
C ALA A 41 -17.13 -4.72 -8.33
N ARG A 42 -16.07 -4.28 -9.00
CA ARG A 42 -15.20 -5.17 -9.73
C ARG A 42 -13.73 -5.01 -9.36
N TYR A 43 -13.47 -4.16 -8.37
CA TYR A 43 -12.11 -3.92 -7.91
C TYR A 43 -12.02 -3.78 -6.40
N TRP A 44 -10.88 -4.21 -5.87
CA TRP A 44 -10.61 -4.10 -4.44
C TRP A 44 -9.20 -3.56 -4.32
N GLN A 45 -9.08 -2.28 -3.96
CA GLN A 45 -7.78 -1.67 -3.82
C GLN A 45 -7.28 -1.80 -2.38
N VAL A 46 -5.99 -2.05 -2.23
CA VAL A 46 -5.39 -2.19 -0.93
C VAL A 46 -4.11 -1.36 -0.88
N LEU A 47 -3.56 -1.19 0.31
CA LEU A 47 -2.31 -0.45 0.48
C LEU A 47 -1.16 -1.49 0.41
N PRO A 48 0.11 -1.04 0.37
CA PRO A 48 1.23 -2.00 0.30
C PRO A 48 1.08 -3.09 1.36
N LEU A 49 1.40 -4.33 0.99
CA LEU A 49 1.26 -5.47 1.89
C LEU A 49 2.51 -6.00 2.59
N GLY A 50 3.59 -5.22 2.62
CA GLY A 50 4.80 -5.71 3.26
C GLY A 50 4.86 -5.53 4.77
N PRO A 51 5.82 -6.18 5.46
CA PRO A 51 5.97 -6.09 6.92
C PRO A 51 6.24 -4.63 7.34
N THR A 52 5.69 -4.21 8.48
CA THR A 52 5.88 -2.83 8.94
C THR A 52 6.71 -2.67 10.20
N GLY A 53 7.28 -1.47 10.36
CA GLY A 53 8.09 -1.17 11.52
C GLY A 53 7.45 -0.09 12.36
N TYR A 54 8.28 0.70 13.03
CA TYR A 54 7.76 1.77 13.88
C TYR A 54 6.88 2.73 13.10
N GLY A 55 5.70 3.03 13.63
CA GLY A 55 4.77 3.91 12.95
C GLY A 55 3.72 3.09 12.24
N ASP A 56 4.04 1.83 11.95
CA ASP A 56 3.14 0.89 11.29
C ASP A 56 2.72 1.26 9.87
N SER A 57 3.47 2.16 9.24
CA SER A 57 3.12 2.57 7.88
C SER A 57 3.44 1.51 6.84
N PRO A 58 2.48 1.24 5.94
CA PRO A 58 2.66 0.26 4.87
C PRO A 58 3.68 0.76 3.84
N TYR A 59 3.95 2.08 3.85
CA TYR A 59 4.88 2.68 2.90
C TYR A 59 6.35 2.69 3.34
N GLN A 60 6.60 2.20 4.55
CA GLN A 60 7.96 2.13 5.10
C GLN A 60 8.17 0.68 5.56
N SER A 61 8.11 -0.25 4.62
CA SER A 61 8.26 -1.67 4.93
C SER A 61 9.70 -2.16 5.11
N PHE A 62 9.85 -3.22 5.89
CA PHE A 62 11.17 -3.79 6.14
C PHE A 62 11.65 -4.55 4.90
N SER A 63 10.78 -4.66 3.90
CA SER A 63 11.13 -5.36 2.67
C SER A 63 10.24 -5.02 1.50
N ALA A 64 10.83 -4.85 0.33
CA ALA A 64 10.07 -4.52 -0.87
C ALA A 64 9.46 -5.76 -1.52
N PHE A 65 9.76 -6.93 -0.96
CA PHE A 65 9.23 -8.19 -1.51
C PHE A 65 8.40 -8.98 -0.50
N ALA A 66 8.81 -8.94 0.77
CA ALA A 66 8.12 -9.67 1.84
C ALA A 66 6.63 -9.35 2.00
N GLY A 67 5.95 -10.21 2.77
CA GLY A 67 4.54 -10.06 3.04
C GLY A 67 4.33 -9.79 4.52
N ASN A 68 3.35 -8.95 4.85
CA ASN A 68 3.04 -8.57 6.23
C ASN A 68 2.55 -9.75 7.09
N PRO A 69 3.36 -10.24 8.03
CA PRO A 69 2.92 -11.36 8.87
C PRO A 69 1.60 -11.06 9.60
N TYR A 70 1.42 -9.81 10.03
CA TYR A 70 0.20 -9.38 10.74
C TYR A 70 -1.08 -9.74 9.99
N LEU A 71 -1.00 -9.93 8.68
CA LEU A 71 -2.17 -10.28 7.88
C LEU A 71 -2.46 -11.78 7.85
N ILE A 72 -1.60 -12.58 8.47
CA ILE A 72 -1.79 -14.02 8.51
C ILE A 72 -2.96 -14.37 9.43
N ASP A 73 -3.91 -15.12 8.90
CA ASP A 73 -5.07 -15.57 9.65
C ASP A 73 -4.64 -16.78 10.46
N LEU A 74 -4.55 -16.61 11.78
CA LEU A 74 -4.14 -17.69 12.67
C LEU A 74 -5.15 -18.83 12.80
N ARG A 75 -6.43 -18.55 12.54
CA ARG A 75 -7.46 -19.58 12.66
C ARG A 75 -7.15 -20.90 11.92
N PRO A 76 -6.77 -20.84 10.64
CA PRO A 76 -6.47 -22.12 9.98
C PRO A 76 -5.41 -22.92 10.72
N LEU A 77 -4.42 -22.23 11.28
CA LEU A 77 -3.34 -22.86 12.02
C LEU A 77 -3.84 -23.46 13.33
N VAL A 78 -4.93 -22.89 13.85
CA VAL A 78 -5.50 -23.39 15.09
C VAL A 78 -6.27 -24.67 14.78
N ASP A 79 -6.94 -24.69 13.64
CA ASP A 79 -7.72 -25.83 13.22
C ASP A 79 -6.84 -27.04 12.92
N ARG A 80 -5.53 -26.82 12.80
CA ARG A 80 -4.63 -27.92 12.50
C ARG A 80 -3.88 -28.41 13.73
N GLY A 81 -4.11 -27.75 14.86
CA GLY A 81 -3.48 -28.15 16.10
C GLY A 81 -2.06 -27.63 16.26
N PHE A 82 -1.64 -26.72 15.40
CA PHE A 82 -0.30 -26.19 15.50
C PHE A 82 -0.16 -25.21 16.66
N VAL A 83 -1.26 -24.57 17.04
CA VAL A 83 -1.23 -23.60 18.14
C VAL A 83 -2.60 -23.45 18.81
N ARG A 84 -2.58 -22.96 20.05
CA ARG A 84 -3.81 -22.74 20.82
C ARG A 84 -3.82 -21.26 21.19
N LEU A 85 -4.87 -20.55 20.80
CA LEU A 85 -4.93 -19.12 21.06
C LEU A 85 -5.80 -18.60 22.20
N GLU A 86 -5.30 -17.56 22.86
CA GLU A 86 -6.00 -16.90 23.95
C GLU A 86 -5.89 -15.39 23.71
N ASP A 87 -7.03 -14.70 23.66
CA ASP A 87 -7.07 -13.27 23.40
C ASP A 87 -6.51 -12.37 24.52
N PRO A 88 -5.61 -11.45 24.14
CA PRO A 88 -4.98 -10.53 25.10
C PRO A 88 -5.84 -9.31 25.44
N GLY A 89 -7.02 -9.24 24.84
CA GLY A 89 -7.90 -8.11 25.10
C GLY A 89 -7.85 -7.07 23.99
N PHE A 90 -7.85 -7.53 22.74
CA PHE A 90 -7.82 -6.60 21.62
C PHE A 90 -9.09 -5.78 21.58
N PRO A 91 -8.98 -4.51 21.18
CA PRO A 91 -10.17 -3.65 21.12
C PRO A 91 -10.92 -3.93 19.83
N GLU A 92 -11.96 -3.15 19.59
CA GLU A 92 -12.77 -3.32 18.38
C GLU A 92 -12.79 -2.01 17.61
N GLY A 93 -12.85 -2.10 16.28
CA GLY A 93 -12.88 -0.91 15.46
C GLY A 93 -11.57 -0.20 15.21
N ARG A 94 -10.49 -0.70 15.80
CA ARG A 94 -9.17 -0.13 15.62
C ARG A 94 -8.13 -1.19 15.90
N VAL A 95 -6.95 -1.02 15.31
CA VAL A 95 -5.87 -1.95 15.55
C VAL A 95 -4.96 -1.41 16.65
N ASP A 96 -4.64 -2.26 17.62
CA ASP A 96 -3.74 -1.85 18.70
C ASP A 96 -2.40 -2.50 18.31
N TYR A 97 -1.61 -1.78 17.53
CA TYR A 97 -0.33 -2.27 17.06
C TYR A 97 0.64 -2.69 18.15
N GLY A 98 0.70 -1.90 19.22
CA GLY A 98 1.59 -2.24 20.31
C GLY A 98 1.25 -3.61 20.85
N LEU A 99 -0.04 -3.84 21.08
CA LEU A 99 -0.52 -5.11 21.61
C LEU A 99 -0.37 -6.21 20.55
N LEU A 100 -0.67 -5.89 19.29
CA LEU A 100 -0.57 -6.85 18.20
C LEU A 100 0.85 -7.37 18.03
N TYR A 101 1.83 -6.49 18.28
CA TYR A 101 3.22 -6.84 18.18
C TYR A 101 3.61 -7.79 19.30
N ALA A 102 3.26 -7.41 20.52
CA ALA A 102 3.57 -8.22 21.70
C ALA A 102 2.91 -9.59 21.68
N TRP A 103 1.75 -9.69 21.04
CA TRP A 103 0.99 -10.93 21.00
C TRP A 103 1.13 -11.81 19.75
N LYS A 104 0.86 -11.24 18.57
CA LYS A 104 0.91 -12.04 17.34
C LYS A 104 2.25 -12.66 16.95
N TRP A 105 3.36 -12.02 17.30
CA TRP A 105 4.64 -12.62 16.94
C TRP A 105 4.80 -13.93 17.73
N PRO A 106 4.67 -13.88 19.07
CA PRO A 106 4.81 -15.11 19.83
C PRO A 106 3.75 -16.13 19.38
N ALA A 107 2.60 -15.63 18.95
CA ALA A 107 1.52 -16.48 18.49
C ALA A 107 1.96 -17.25 17.25
N LEU A 108 2.57 -16.53 16.31
CA LEU A 108 3.05 -17.15 15.08
C LEU A 108 4.22 -18.08 15.38
N ARG A 109 5.10 -17.65 16.27
CA ARG A 109 6.25 -18.46 16.64
C ARG A 109 5.78 -19.80 17.23
N ALA A 110 4.81 -19.74 18.13
CA ALA A 110 4.27 -20.93 18.76
C ALA A 110 3.70 -21.86 17.69
N ALA A 111 2.91 -21.29 16.78
CA ALA A 111 2.30 -22.05 15.70
C ALA A 111 3.37 -22.68 14.81
N PHE A 112 4.56 -22.10 14.79
CA PHE A 112 5.64 -22.63 13.99
C PHE A 112 6.10 -23.95 14.61
N GLN A 113 6.18 -23.98 15.94
CA GLN A 113 6.60 -25.18 16.66
C GLN A 113 5.57 -26.28 16.43
N GLY A 114 4.30 -25.91 16.40
CA GLY A 114 3.26 -26.90 16.17
C GLY A 114 3.44 -27.48 14.78
N PHE A 115 3.82 -26.63 13.83
CA PHE A 115 4.03 -27.07 12.44
C PHE A 115 5.17 -28.07 12.34
N ARG A 116 6.31 -27.75 12.94
CA ARG A 116 7.47 -28.63 12.92
C ARG A 116 7.20 -29.98 13.56
N GLN A 117 6.11 -30.08 14.33
CA GLN A 117 5.77 -31.31 15.03
C GLN A 117 4.48 -31.99 14.57
N LYS A 118 3.72 -31.34 13.71
CA LYS A 118 2.47 -31.94 13.26
C LYS A 118 2.17 -31.72 11.79
N ALA A 119 3.07 -31.04 11.08
CA ALA A 119 2.84 -30.79 9.67
C ALA A 119 2.89 -32.07 8.86
N SER A 120 1.97 -32.22 7.93
CA SER A 120 1.94 -33.40 7.08
C SER A 120 3.12 -33.30 6.13
N PRO A 121 3.41 -34.37 5.39
CA PRO A 121 4.54 -34.32 4.45
C PRO A 121 4.29 -33.33 3.31
N GLU A 122 3.03 -33.25 2.87
CA GLU A 122 2.66 -32.35 1.77
C GLU A 122 2.82 -30.90 2.22
N GLU A 123 2.65 -30.67 3.51
CA GLU A 123 2.79 -29.33 4.09
C GLU A 123 4.27 -29.02 4.26
N LYS A 124 5.01 -29.97 4.83
CA LYS A 124 6.44 -29.81 5.04
C LYS A 124 7.16 -29.71 3.71
N GLU A 125 6.59 -30.34 2.68
CA GLU A 125 7.17 -30.33 1.35
C GLU A 125 6.90 -29.00 0.67
N ASP A 126 5.68 -28.50 0.76
CA ASP A 126 5.34 -27.23 0.14
C ASP A 126 6.20 -26.13 0.75
N PHE A 127 6.29 -26.12 2.07
CA PHE A 127 7.10 -25.13 2.77
C PHE A 127 8.55 -25.20 2.29
N ALA A 128 8.95 -26.39 1.84
CA ALA A 128 10.31 -26.58 1.35
C ALA A 128 10.46 -25.99 -0.04
N ARG A 129 9.49 -26.23 -0.92
CA ARG A 129 9.53 -25.71 -2.28
C ARG A 129 9.53 -24.19 -2.26
N PHE A 130 8.68 -23.62 -1.42
CA PHE A 130 8.55 -22.17 -1.28
C PHE A 130 9.89 -21.55 -0.92
N GLN A 131 10.54 -22.07 0.10
CA GLN A 131 11.83 -21.53 0.54
C GLN A 131 12.88 -21.55 -0.56
N GLU A 132 12.79 -22.54 -1.43
CA GLU A 132 13.74 -22.68 -2.52
C GLU A 132 13.48 -21.70 -3.64
N GLU A 133 12.21 -21.56 -4.01
CA GLU A 133 11.81 -20.66 -5.10
C GLU A 133 11.92 -19.18 -4.76
N GLU A 134 11.65 -18.80 -3.51
CA GLU A 134 11.72 -17.39 -3.12
C GLU A 134 13.05 -17.02 -2.48
N ALA A 135 13.99 -17.96 -2.51
CA ALA A 135 15.30 -17.77 -1.91
C ALA A 135 16.01 -16.45 -2.29
N TRP A 136 15.97 -16.07 -3.57
CA TRP A 136 16.64 -14.86 -4.01
C TRP A 136 16.39 -13.61 -3.18
N TRP A 137 15.21 -13.54 -2.55
CA TRP A 137 14.92 -12.40 -1.69
C TRP A 137 14.62 -12.91 -0.28
N LEU A 138 14.00 -14.08 -0.19
CA LEU A 138 13.63 -14.66 1.11
C LEU A 138 14.82 -14.85 2.03
N ARG A 139 15.95 -15.26 1.46
CA ARG A 139 17.16 -15.49 2.26
C ARG A 139 17.60 -14.22 2.97
N ASP A 140 17.68 -13.11 2.24
CA ASP A 140 18.09 -11.85 2.84
C ASP A 140 17.04 -11.30 3.80
N TYR A 141 15.76 -11.47 3.45
CA TYR A 141 14.68 -10.97 4.30
C TYR A 141 14.67 -11.65 5.67
N ALA A 142 14.63 -12.98 5.66
CA ALA A 142 14.60 -13.77 6.89
C ALA A 142 15.76 -13.44 7.80
N LEU A 143 16.97 -13.38 7.24
CA LEU A 143 18.14 -13.08 8.04
C LEU A 143 18.08 -11.63 8.54
N PHE A 144 17.53 -10.75 7.72
CA PHE A 144 17.40 -9.35 8.09
C PHE A 144 16.56 -9.20 9.36
N MET A 145 15.36 -9.78 9.33
CA MET A 145 14.46 -9.71 10.47
C MET A 145 15.10 -10.34 11.70
N THR A 146 15.65 -11.55 11.52
CA THR A 146 16.29 -12.29 12.60
C THR A 146 17.37 -11.45 13.27
N LEU A 147 18.24 -10.86 12.45
CA LEU A 147 19.32 -10.02 12.97
C LEU A 147 18.80 -8.75 13.62
N LYS A 148 17.64 -8.28 13.17
CA LYS A 148 17.05 -7.09 13.76
C LYS A 148 16.55 -7.41 15.17
N SER A 149 15.97 -8.59 15.35
CA SER A 149 15.47 -9.02 16.67
C SER A 149 16.65 -9.18 17.59
N HIS A 150 17.65 -9.90 17.09
CA HIS A 150 18.87 -10.18 17.82
C HIS A 150 19.65 -8.93 18.23
N HIS A 151 19.31 -7.78 17.64
CA HIS A 151 20.01 -6.55 17.98
C HIS A 151 19.13 -5.46 18.58
N GLY A 152 18.07 -5.88 19.25
CA GLY A 152 17.17 -4.94 19.88
C GLY A 152 16.45 -4.00 18.95
N GLY A 153 16.18 -4.44 17.72
CA GLY A 153 15.47 -3.60 16.77
C GLY A 153 16.28 -2.48 16.14
N LEU A 154 17.59 -2.44 16.40
CA LEU A 154 18.44 -1.42 15.80
C LEU A 154 18.37 -1.53 14.27
N PRO A 155 18.49 -0.39 13.57
CA PRO A 155 18.45 -0.42 12.10
C PRO A 155 19.69 -1.16 11.60
N TRP A 156 19.60 -1.78 10.43
CA TRP A 156 20.74 -2.54 9.90
C TRP A 156 22.04 -1.74 9.84
N ASN A 157 21.97 -0.46 9.46
CA ASN A 157 23.20 0.33 9.40
C ASN A 157 23.68 0.81 10.77
N ALA A 158 23.33 0.05 11.80
CA ALA A 158 23.73 0.36 13.17
C ALA A 158 24.22 -0.92 13.83
N TRP A 159 24.28 -1.99 13.04
CA TRP A 159 24.73 -3.30 13.51
C TRP A 159 26.25 -3.38 13.47
N PRO A 160 26.83 -4.44 14.08
CA PRO A 160 28.28 -4.60 14.09
C PRO A 160 28.82 -4.61 12.65
N LEU A 161 29.91 -3.88 12.43
CA LEU A 161 30.53 -3.78 11.10
C LEU A 161 30.47 -5.03 10.24
N ALA A 162 30.90 -6.17 10.79
CA ALA A 162 30.89 -7.43 10.04
C ALA A 162 29.55 -7.71 9.38
N LEU A 163 28.47 -7.60 10.16
CA LEU A 163 27.12 -7.85 9.67
C LEU A 163 26.57 -6.73 8.81
N ARG A 164 26.82 -5.48 9.21
CA ARG A 164 26.34 -4.34 8.44
C ARG A 164 26.86 -4.40 7.02
N THR A 165 28.15 -4.68 6.87
CA THR A 165 28.79 -4.76 5.55
C THR A 165 28.61 -6.13 4.90
N ARG A 166 27.79 -6.98 5.51
CA ARG A 166 27.51 -8.30 4.96
C ARG A 166 28.73 -9.14 4.61
N GLU A 167 29.64 -9.30 5.57
CA GLU A 167 30.82 -10.11 5.33
C GLU A 167 30.44 -11.57 5.18
N GLU A 168 31.03 -12.22 4.20
CA GLU A 168 30.75 -13.62 3.90
C GLU A 168 30.71 -14.56 5.11
N ARG A 169 31.70 -14.46 6.00
CA ARG A 169 31.75 -15.31 7.19
C ARG A 169 30.64 -15.00 8.19
N ALA A 170 30.64 -13.77 8.70
CA ALA A 170 29.65 -13.33 9.67
C ALA A 170 28.26 -13.77 9.27
N LEU A 171 27.92 -13.59 8.00
CA LEU A 171 26.59 -13.99 7.52
C LEU A 171 26.36 -15.48 7.71
N LYS A 172 27.27 -16.30 7.22
CA LYS A 172 27.14 -17.76 7.33
C LYS A 172 27.05 -18.25 8.78
N GLU A 173 27.84 -17.66 9.66
CA GLU A 173 27.82 -18.05 11.06
C GLU A 173 26.46 -17.72 11.67
N ALA A 174 26.03 -16.46 11.50
CA ALA A 174 24.75 -16.00 12.01
C ALA A 174 23.64 -16.85 11.43
N GLU A 175 23.78 -17.14 10.15
CA GLU A 175 22.80 -17.93 9.41
C GLU A 175 22.75 -19.37 9.91
N ALA A 176 23.80 -19.78 10.61
CA ALA A 176 23.88 -21.14 11.14
C ALA A 176 23.43 -21.27 12.59
N SER A 177 23.74 -20.28 13.40
CA SER A 177 23.37 -20.31 14.81
C SER A 177 22.01 -19.67 15.10
N LEU A 178 21.22 -19.45 14.05
CA LEU A 178 19.90 -18.85 14.19
C LEU A 178 18.97 -19.41 13.12
N ALA A 179 19.34 -20.56 12.57
CA ALA A 179 18.58 -21.21 11.51
C ALA A 179 17.11 -21.41 11.85
N GLU A 180 16.81 -21.54 13.14
CA GLU A 180 15.43 -21.75 13.58
C GLU A 180 14.63 -20.45 13.43
N GLU A 181 15.18 -19.34 13.92
CA GLU A 181 14.51 -18.05 13.81
C GLU A 181 14.33 -17.68 12.34
N ILE A 182 15.37 -17.94 11.55
CA ILE A 182 15.35 -17.68 10.12
C ILE A 182 14.24 -18.52 9.47
N ALA A 183 14.12 -19.76 9.88
CA ALA A 183 13.09 -20.64 9.33
C ALA A 183 11.72 -20.09 9.71
N PHE A 184 11.60 -19.58 10.92
CA PHE A 184 10.35 -19.01 11.40
C PHE A 184 9.89 -17.89 10.48
N HIS A 185 10.77 -16.92 10.25
CA HIS A 185 10.41 -15.82 9.38
C HIS A 185 10.01 -16.33 8.00
N ALA A 186 10.73 -17.33 7.50
CA ALA A 186 10.41 -17.89 6.18
C ALA A 186 9.02 -18.50 6.25
N PHE A 187 8.70 -19.06 7.40
CA PHE A 187 7.41 -19.70 7.63
C PHE A 187 6.32 -18.64 7.53
N THR A 188 6.51 -17.50 8.20
CA THR A 188 5.52 -16.44 8.15
C THR A 188 5.25 -16.05 6.69
N GLN A 189 6.31 -15.96 5.89
CA GLN A 189 6.17 -15.59 4.49
C GLN A 189 5.41 -16.67 3.71
N TRP A 190 5.74 -17.93 3.98
CA TRP A 190 5.09 -19.06 3.32
C TRP A 190 3.58 -18.97 3.53
N LEU A 191 3.16 -18.77 4.77
CA LEU A 191 1.74 -18.65 5.11
C LEU A 191 1.11 -17.47 4.38
N PHE A 192 1.71 -16.29 4.54
CA PHE A 192 1.18 -15.08 3.90
C PHE A 192 0.89 -15.24 2.42
N PHE A 193 1.90 -15.60 1.63
CA PHE A 193 1.71 -15.75 0.20
C PHE A 193 0.72 -16.84 -0.17
N ARG A 194 0.71 -17.93 0.57
CA ARG A 194 -0.24 -19.00 0.29
C ARG A 194 -1.65 -18.50 0.61
N GLN A 195 -1.81 -17.82 1.73
CA GLN A 195 -3.11 -17.30 2.11
C GLN A 195 -3.59 -16.23 1.15
N TRP A 196 -2.69 -15.36 0.69
CA TRP A 196 -3.12 -14.34 -0.26
C TRP A 196 -3.47 -15.00 -1.57
N GLY A 197 -2.65 -15.96 -1.98
CA GLY A 197 -2.90 -16.67 -3.21
C GLY A 197 -4.32 -17.23 -3.24
N ALA A 198 -4.71 -17.90 -2.15
CA ALA A 198 -6.05 -18.46 -2.07
C ALA A 198 -7.06 -17.33 -2.29
N LEU A 199 -6.89 -16.24 -1.56
CA LEU A 199 -7.78 -15.09 -1.66
C LEU A 199 -7.83 -14.51 -3.07
N LYS A 200 -6.69 -14.51 -3.75
CA LYS A 200 -6.61 -13.97 -5.10
C LYS A 200 -7.44 -14.81 -6.08
N GLU A 201 -7.29 -16.14 -6.02
CA GLU A 201 -8.05 -17.03 -6.91
C GLU A 201 -9.54 -16.81 -6.66
N GLU A 202 -9.89 -16.70 -5.37
CA GLU A 202 -11.25 -16.47 -4.95
C GLU A 202 -11.82 -15.25 -5.64
N ALA A 203 -11.10 -14.13 -5.57
CA ALA A 203 -11.53 -12.89 -6.19
C ALA A 203 -11.70 -13.04 -7.70
N GLU A 204 -10.76 -13.74 -8.34
CA GLU A 204 -10.81 -13.94 -9.78
C GLU A 204 -12.04 -14.70 -10.20
N ALA A 205 -12.41 -15.72 -9.43
CA ALA A 205 -13.59 -16.52 -9.73
C ALA A 205 -14.83 -15.65 -9.62
N LEU A 206 -14.81 -14.67 -8.71
CA LEU A 206 -15.93 -13.75 -8.52
C LEU A 206 -15.85 -12.61 -9.52
N GLY A 207 -14.80 -12.62 -10.33
CA GLY A 207 -14.62 -11.59 -11.33
C GLY A 207 -14.13 -10.27 -10.75
N ILE A 208 -13.36 -10.34 -9.66
CA ILE A 208 -12.83 -9.14 -9.02
C ILE A 208 -11.31 -9.03 -9.10
N ALA A 209 -10.83 -7.88 -9.56
CA ALA A 209 -9.41 -7.63 -9.69
C ALA A 209 -8.87 -6.86 -8.48
N PHE A 210 -7.60 -7.09 -8.18
CA PHE A 210 -6.95 -6.41 -7.08
C PHE A 210 -6.09 -5.27 -7.55
N ILE A 211 -6.20 -4.15 -6.87
CA ILE A 211 -5.38 -3.00 -7.21
C ILE A 211 -4.39 -2.87 -6.07
N GLY A 212 -3.14 -3.21 -6.36
CA GLY A 212 -2.08 -3.14 -5.36
C GLY A 212 -1.43 -1.77 -5.28
N ASP A 213 -0.44 -1.66 -4.40
CA ASP A 213 0.25 -0.39 -4.18
C ASP A 213 1.69 -0.61 -3.71
N MET A 214 2.56 0.36 -4.01
CA MET A 214 3.96 0.32 -3.61
C MET A 214 4.60 1.70 -3.69
N PRO A 215 5.39 2.08 -2.67
CA PRO A 215 6.04 3.39 -2.68
C PRO A 215 7.18 3.36 -3.71
N ILE A 216 7.33 4.42 -4.50
CA ILE A 216 8.40 4.43 -5.50
C ILE A 216 9.77 4.23 -4.83
N PHE A 217 9.96 4.83 -3.65
CA PHE A 217 11.21 4.70 -2.90
C PHE A 217 11.06 3.69 -1.76
N VAL A 218 12.11 2.92 -1.50
CA VAL A 218 12.07 1.93 -0.42
C VAL A 218 12.47 2.57 0.91
N ALA A 219 12.31 1.81 1.99
CA ALA A 219 12.67 2.34 3.31
C ALA A 219 14.16 2.13 3.57
N GLU A 220 14.77 3.08 4.25
CA GLU A 220 16.20 2.99 4.57
C GLU A 220 16.54 1.71 5.31
N ASP A 221 15.76 1.43 6.35
CA ASP A 221 15.97 0.25 7.17
C ASP A 221 15.15 -0.90 6.61
N SER A 222 15.70 -1.58 5.61
CA SER A 222 15.02 -2.70 4.95
C SER A 222 15.99 -3.72 4.37
N ALA A 223 15.53 -4.96 4.25
CA ALA A 223 16.36 -6.03 3.71
C ALA A 223 17.12 -5.68 2.41
N GLU A 224 16.42 -5.17 1.40
CA GLU A 224 17.07 -4.86 0.12
C GLU A 224 18.14 -3.77 0.10
N VAL A 225 18.08 -2.81 1.02
CA VAL A 225 19.06 -1.74 1.06
C VAL A 225 20.31 -2.31 1.72
N TRP A 226 20.08 -3.18 2.68
CA TRP A 226 21.16 -3.82 3.39
C TRP A 226 21.94 -4.75 2.46
N ALA A 227 21.22 -5.58 1.72
CA ALA A 227 21.81 -6.56 0.81
C ALA A 227 22.26 -6.02 -0.54
N HIS A 228 21.80 -4.82 -0.92
CA HIS A 228 22.17 -4.24 -2.20
C HIS A 228 22.42 -2.75 -2.09
N PRO A 229 23.39 -2.34 -1.25
CA PRO A 229 23.66 -0.91 -1.10
C PRO A 229 24.20 -0.25 -2.37
N GLU A 230 24.62 -1.07 -3.34
CA GLU A 230 25.14 -0.54 -4.59
C GLU A 230 24.05 0.18 -5.37
N TRP A 231 22.80 -0.21 -5.12
CA TRP A 231 21.65 0.39 -5.79
C TRP A 231 21.19 1.71 -5.18
N PHE A 232 21.83 2.15 -4.10
CA PHE A 232 21.39 3.38 -3.43
C PHE A 232 22.54 4.29 -3.03
N HIS A 233 22.25 5.59 -2.95
CA HIS A 233 23.25 6.58 -2.56
C HIS A 233 23.54 6.52 -1.07
N LEU A 234 24.46 5.64 -0.67
CA LEU A 234 24.83 5.49 0.73
C LEU A 234 26.35 5.71 0.88
N ASP A 235 26.79 6.07 2.09
CA ASP A 235 28.22 6.23 2.30
C ASP A 235 28.75 4.88 2.72
N GLU A 236 29.97 4.83 3.26
CA GLU A 236 30.56 3.57 3.68
C GLU A 236 29.97 2.99 4.95
N GLU A 237 29.35 3.84 5.77
CA GLU A 237 28.73 3.40 7.02
C GLU A 237 27.30 2.96 6.75
N GLY A 238 26.90 3.04 5.48
CA GLY A 238 25.55 2.63 5.10
C GLY A 238 24.50 3.70 5.26
N ARG A 239 24.94 4.93 5.55
CA ARG A 239 24.03 6.05 5.73
C ARG A 239 23.79 6.82 4.43
N PRO A 240 22.52 7.17 4.15
CA PRO A 240 22.17 7.92 2.94
C PRO A 240 22.91 9.26 2.86
N THR A 241 23.50 9.55 1.72
CA THR A 241 24.22 10.82 1.53
C THR A 241 23.21 11.87 1.08
N VAL A 242 22.09 11.41 0.51
CA VAL A 242 21.00 12.28 0.07
C VAL A 242 19.72 11.51 0.31
N VAL A 243 18.64 12.21 0.63
CA VAL A 243 17.34 11.57 0.87
C VAL A 243 16.24 12.13 -0.01
N ALA A 244 15.17 11.36 -0.16
CA ALA A 244 14.04 11.77 -0.98
C ALA A 244 13.16 12.83 -0.31
N GLY A 245 12.31 13.47 -1.11
CA GLY A 245 11.42 14.49 -0.60
C GLY A 245 10.90 15.36 -1.73
N VAL A 246 10.22 16.45 -1.39
CA VAL A 246 9.71 17.38 -2.38
C VAL A 246 10.11 18.79 -2.00
N PRO A 247 10.29 19.67 -3.00
CA PRO A 247 10.68 21.05 -2.74
C PRO A 247 9.57 21.90 -2.15
N PRO A 248 9.94 23.07 -1.58
CA PRO A 248 8.97 23.98 -0.98
C PRO A 248 7.96 24.41 -2.05
N ASP A 249 6.68 24.33 -1.72
CA ASP A 249 5.64 24.73 -2.66
C ASP A 249 4.70 25.73 -2.00
N TYR A 250 3.74 26.22 -2.77
CA TYR A 250 2.76 27.19 -2.27
C TYR A 250 2.31 26.85 -0.85
N PHE A 251 2.10 25.57 -0.59
CA PHE A 251 1.65 25.11 0.73
C PHE A 251 2.79 25.05 1.75
N SER A 252 3.61 24.00 1.69
CA SER A 252 4.72 23.88 2.62
C SER A 252 5.82 24.86 2.25
N GLU A 253 6.17 25.73 3.19
CA GLU A 253 7.18 26.75 2.99
C GLU A 253 8.59 26.20 3.10
N THR A 254 8.70 24.96 3.57
CA THR A 254 9.99 24.33 3.75
C THR A 254 10.11 23.02 2.97
N GLY A 255 9.06 22.66 2.26
CA GLY A 255 9.06 21.43 1.50
C GLY A 255 8.96 20.23 2.43
N GLN A 256 9.24 19.04 1.92
CA GLN A 256 9.17 17.83 2.74
C GLN A 256 10.41 16.97 2.60
N ARG A 257 10.94 16.53 3.75
CA ARG A 257 12.11 15.67 3.78
C ARG A 257 11.64 14.30 4.25
N TRP A 258 11.51 13.35 3.31
CA TRP A 258 11.05 12.01 3.64
C TRP A 258 12.10 11.10 4.27
N GLY A 259 13.36 11.27 3.90
CA GLY A 259 14.40 10.44 4.48
C GLY A 259 14.68 9.14 3.73
N ASN A 260 13.76 8.71 2.87
CA ASN A 260 13.96 7.49 2.09
C ASN A 260 15.22 7.54 1.25
N PRO A 261 15.94 6.41 1.13
CA PRO A 261 17.16 6.39 0.34
C PRO A 261 16.81 6.54 -1.14
N LEU A 262 17.68 7.20 -1.89
CA LEU A 262 17.47 7.42 -3.32
C LEU A 262 18.25 6.41 -4.13
N TYR A 263 17.69 6.02 -5.28
CA TYR A 263 18.33 5.05 -6.14
C TYR A 263 19.50 5.62 -6.93
N ARG A 264 20.43 4.73 -7.29
CA ARG A 264 21.55 5.09 -8.15
C ARG A 264 21.00 4.61 -9.50
N TRP A 265 20.20 5.45 -10.14
CA TRP A 265 19.60 5.07 -11.40
C TRP A 265 20.56 4.52 -12.44
N GLU A 266 21.79 5.04 -12.45
CA GLU A 266 22.80 4.59 -13.39
C GLU A 266 23.10 3.11 -13.19
N VAL A 267 23.17 2.69 -11.92
CA VAL A 267 23.43 1.28 -11.61
C VAL A 267 22.26 0.37 -11.96
N LEU A 268 21.03 0.82 -11.70
CA LEU A 268 19.87 -0.01 -12.02
C LEU A 268 19.78 -0.18 -13.53
N GLU A 269 20.09 0.88 -14.27
CA GLU A 269 20.03 0.80 -15.72
C GLU A 269 21.04 -0.19 -16.28
N GLU A 270 22.28 -0.12 -15.81
CA GLU A 270 23.32 -1.02 -16.32
C GLU A 270 22.92 -2.46 -16.09
N GLU A 271 22.00 -2.68 -15.16
CA GLU A 271 21.54 -4.03 -14.86
C GLU A 271 20.19 -4.29 -15.51
N GLY A 272 19.85 -3.48 -16.50
CA GLY A 272 18.57 -3.65 -17.17
C GLY A 272 17.39 -3.46 -16.23
N PHE A 273 17.55 -2.58 -15.25
CA PHE A 273 16.50 -2.30 -14.26
C PHE A 273 15.97 -3.59 -13.64
N SER A 274 16.88 -4.52 -13.34
CA SER A 274 16.52 -5.81 -12.74
C SER A 274 15.67 -5.67 -11.47
N PHE A 275 16.06 -4.75 -10.60
CA PHE A 275 15.34 -4.53 -9.35
C PHE A 275 13.86 -4.24 -9.60
N TRP A 276 13.59 -3.22 -10.42
CA TRP A 276 12.22 -2.86 -10.70
C TRP A 276 11.41 -3.97 -11.36
N ILE A 277 12.04 -4.70 -12.28
CA ILE A 277 11.36 -5.79 -12.95
C ILE A 277 11.00 -6.88 -11.95
N ALA A 278 11.95 -7.21 -11.07
CA ALA A 278 11.71 -8.23 -10.06
C ALA A 278 10.63 -7.71 -9.11
N ARG A 279 10.73 -6.43 -8.76
CA ARG A 279 9.76 -5.82 -7.85
C ARG A 279 8.36 -5.85 -8.45
N LEU A 280 8.24 -5.56 -9.74
CA LEU A 280 6.93 -5.59 -10.37
C LEU A 280 6.42 -7.01 -10.57
N ARG A 281 7.33 -7.92 -10.90
CA ARG A 281 6.93 -9.31 -11.11
C ARG A 281 6.30 -9.88 -9.84
N LYS A 282 6.93 -9.59 -8.71
CA LYS A 282 6.44 -10.08 -7.43
C LYS A 282 5.09 -9.44 -7.06
N ALA A 283 4.87 -8.20 -7.46
CA ALA A 283 3.62 -7.50 -7.17
C ALA A 283 2.50 -8.07 -8.02
N LEU A 284 2.83 -8.38 -9.27
CA LEU A 284 1.84 -8.95 -10.19
C LEU A 284 1.42 -10.35 -9.79
N GLU A 285 2.12 -10.94 -8.83
CA GLU A 285 1.77 -12.28 -8.36
C GLU A 285 0.60 -12.12 -7.41
N LEU A 286 0.48 -10.91 -6.85
CA LEU A 286 -0.56 -10.57 -5.89
C LEU A 286 -1.66 -9.69 -6.45
N PHE A 287 -1.29 -8.74 -7.32
CA PHE A 287 -2.25 -7.81 -7.87
C PHE A 287 -2.40 -7.83 -9.38
N HIS A 288 -3.54 -7.33 -9.85
CA HIS A 288 -3.84 -7.25 -11.27
C HIS A 288 -3.43 -5.88 -11.82
N LEU A 289 -3.36 -4.90 -10.92
CA LEU A 289 -2.98 -3.53 -11.28
C LEU A 289 -2.12 -3.05 -10.11
N VAL A 290 -1.05 -2.32 -10.42
CA VAL A 290 -0.17 -1.83 -9.36
C VAL A 290 0.01 -0.34 -9.34
N ARG A 291 -0.57 0.31 -8.35
CA ARG A 291 -0.42 1.75 -8.21
C ARG A 291 0.98 1.99 -7.63
N ILE A 292 1.64 3.05 -8.07
CA ILE A 292 2.97 3.37 -7.57
C ILE A 292 2.95 4.79 -7.00
N ASP A 293 3.19 4.91 -5.69
CA ASP A 293 3.18 6.21 -5.03
C ASP A 293 4.31 7.10 -5.53
N HIS A 294 4.01 8.40 -5.69
CA HIS A 294 4.98 9.38 -6.15
C HIS A 294 5.56 8.99 -7.52
N PHE A 295 4.67 8.79 -8.48
CA PHE A 295 5.03 8.45 -9.83
C PHE A 295 6.00 9.48 -10.43
N ARG A 296 5.79 10.75 -10.13
CA ARG A 296 6.64 11.83 -10.66
C ARG A 296 8.11 11.49 -10.53
N GLY A 297 8.44 10.65 -9.56
CA GLY A 297 9.82 10.26 -9.33
C GLY A 297 10.50 9.59 -10.49
N PHE A 298 9.71 8.99 -11.37
CA PHE A 298 10.26 8.33 -12.56
C PHE A 298 10.72 9.36 -13.60
N GLU A 299 10.16 10.56 -13.55
CA GLU A 299 10.53 11.63 -14.48
C GLU A 299 11.75 12.35 -13.91
N ALA A 300 11.64 12.74 -12.64
CA ALA A 300 12.73 13.41 -11.93
C ALA A 300 12.39 13.39 -10.44
N TYR A 301 13.40 13.49 -9.59
CA TYR A 301 13.15 13.47 -8.15
C TYR A 301 13.91 14.59 -7.45
N TRP A 302 13.39 15.02 -6.31
CA TRP A 302 14.03 16.09 -5.54
C TRP A 302 15.03 15.46 -4.59
N GLU A 303 16.31 15.67 -4.88
CA GLU A 303 17.40 15.13 -4.08
C GLU A 303 17.78 16.11 -2.97
N ILE A 304 17.69 15.65 -1.73
CA ILE A 304 17.98 16.49 -0.57
C ILE A 304 19.22 16.02 0.17
N PRO A 305 20.20 16.91 0.40
CA PRO A 305 21.41 16.50 1.12
C PRO A 305 21.00 15.95 2.49
N ALA A 306 21.49 14.75 2.83
CA ALA A 306 21.16 14.12 4.11
C ALA A 306 21.42 15.05 5.30
N SER A 307 22.44 15.89 5.17
CA SER A 307 22.81 16.82 6.24
C SER A 307 21.80 17.95 6.41
N CYS A 308 20.88 18.08 5.46
CA CYS A 308 19.86 19.13 5.52
C CYS A 308 18.66 18.70 6.36
N PRO A 309 18.20 19.58 7.26
CA PRO A 309 17.05 19.28 8.13
C PRO A 309 15.69 19.45 7.45
N THR A 310 15.67 20.21 6.36
CA THR A 310 14.45 20.46 5.59
C THR A 310 14.66 19.99 4.16
N ALA A 311 13.84 20.48 3.23
CA ALA A 311 13.96 20.09 1.82
C ALA A 311 14.41 21.27 0.99
N VAL A 312 14.63 22.40 1.65
CA VAL A 312 15.04 23.63 0.98
C VAL A 312 16.33 23.54 0.18
N GLU A 313 17.34 22.83 0.70
CA GLU A 313 18.62 22.73 0.03
C GLU A 313 18.68 21.78 -1.18
N GLY A 314 17.59 21.09 -1.48
CA GLY A 314 17.60 20.15 -2.59
C GLY A 314 17.78 20.67 -4.01
N ARG A 315 17.59 19.77 -4.98
CA ARG A 315 17.71 20.09 -6.40
C ARG A 315 17.06 18.97 -7.18
N TRP A 316 16.54 19.26 -8.36
CA TRP A 316 15.92 18.24 -9.19
C TRP A 316 16.96 17.40 -9.94
N VAL A 317 16.68 16.12 -10.08
CA VAL A 317 17.55 15.19 -10.78
C VAL A 317 16.68 14.33 -11.69
N LYS A 318 17.00 14.33 -12.98
CA LYS A 318 16.24 13.55 -13.93
C LYS A 318 16.44 12.05 -13.71
N ALA A 319 15.38 11.28 -13.90
CA ALA A 319 15.42 9.83 -13.75
C ALA A 319 15.12 9.25 -15.12
N PRO A 320 15.67 8.05 -15.42
CA PRO A 320 15.46 7.37 -16.71
C PRO A 320 14.08 6.75 -16.92
N GLY A 321 13.04 7.55 -16.76
CA GLY A 321 11.68 7.06 -16.92
C GLY A 321 11.39 6.35 -18.24
N GLU A 322 11.71 6.99 -19.35
CA GLU A 322 11.47 6.39 -20.66
C GLU A 322 12.07 5.00 -20.75
N LYS A 323 13.38 4.90 -20.48
CA LYS A 323 14.05 3.60 -20.56
C LYS A 323 13.39 2.58 -19.66
N LEU A 324 13.19 2.94 -18.39
CA LEU A 324 12.57 2.02 -17.45
C LEU A 324 11.25 1.45 -17.95
N PHE A 325 10.31 2.30 -18.32
CA PHE A 325 9.02 1.82 -18.78
C PHE A 325 9.11 1.05 -20.10
N ALA A 326 10.06 1.39 -20.94
CA ALA A 326 10.21 0.66 -22.20
C ALA A 326 10.58 -0.76 -21.83
N ARG A 327 11.47 -0.88 -20.85
CA ARG A 327 11.94 -2.18 -20.36
C ARG A 327 10.80 -2.97 -19.73
N ILE A 328 9.96 -2.28 -18.96
CA ILE A 328 8.83 -2.92 -18.31
C ILE A 328 7.90 -3.45 -19.38
N GLN A 329 7.61 -2.62 -20.38
CA GLN A 329 6.72 -3.00 -21.47
C GLN A 329 7.16 -4.31 -22.11
N GLU A 330 8.47 -4.46 -22.35
CA GLU A 330 8.96 -5.67 -22.96
C GLU A 330 9.00 -6.84 -21.98
N ALA A 331 9.31 -6.56 -20.73
CA ALA A 331 9.38 -7.60 -19.72
C ALA A 331 8.02 -8.27 -19.50
N PHE A 332 6.96 -7.48 -19.41
CA PHE A 332 5.63 -8.02 -19.17
C PHE A 332 4.68 -8.01 -20.35
N GLY A 333 5.10 -7.39 -21.45
CA GLY A 333 4.25 -7.32 -22.61
C GLY A 333 3.12 -6.32 -22.40
N ARG A 334 3.19 -5.61 -21.29
CA ARG A 334 2.19 -4.61 -20.93
C ARG A 334 2.71 -3.86 -19.71
N ILE A 335 2.02 -2.79 -19.33
CA ILE A 335 2.41 -2.00 -18.18
C ILE A 335 1.20 -1.81 -17.27
N PRO A 336 0.95 -2.79 -16.39
CA PRO A 336 -0.18 -2.75 -15.45
C PRO A 336 0.11 -1.83 -14.27
N ILE A 337 0.55 -0.62 -14.57
CA ILE A 337 0.88 0.37 -13.56
C ILE A 337 -0.24 1.40 -13.46
N LEU A 338 -0.40 1.97 -12.28
CA LEU A 338 -1.40 2.99 -12.03
C LEU A 338 -0.58 4.16 -11.47
N ALA A 339 -0.54 5.27 -12.20
CA ALA A 339 0.27 6.40 -11.76
C ALA A 339 -0.35 7.35 -10.75
N GLU A 340 0.24 7.44 -9.56
CA GLU A 340 -0.23 8.37 -8.55
C GLU A 340 0.45 9.69 -8.95
N ASP A 341 -0.30 10.53 -9.65
CA ASP A 341 0.19 11.81 -10.13
C ASP A 341 -0.52 12.99 -9.46
N LEU A 342 -0.73 12.89 -8.15
CA LEU A 342 -1.37 13.97 -7.41
C LEU A 342 -0.27 14.95 -7.04
N GLY A 343 -0.63 16.04 -6.40
CA GLY A 343 0.38 17.02 -6.03
C GLY A 343 0.79 17.89 -7.20
N VAL A 344 1.88 18.63 -7.03
CA VAL A 344 2.37 19.52 -8.07
C VAL A 344 3.01 18.76 -9.22
N ILE A 345 2.26 18.50 -10.28
CA ILE A 345 2.85 17.81 -11.42
C ILE A 345 3.19 18.77 -12.54
N THR A 346 4.13 18.38 -13.39
CA THR A 346 4.60 19.20 -14.49
C THR A 346 4.23 18.58 -15.84
N PRO A 347 4.42 19.33 -16.94
CA PRO A 347 4.09 18.81 -18.27
C PRO A 347 4.94 17.61 -18.61
N GLU A 348 6.15 17.55 -18.04
CA GLU A 348 7.06 16.45 -18.29
C GLU A 348 6.53 15.17 -17.69
N VAL A 349 5.99 15.26 -16.48
CA VAL A 349 5.43 14.08 -15.81
C VAL A 349 4.21 13.56 -16.57
N GLU A 350 3.35 14.48 -17.01
CA GLU A 350 2.15 14.07 -17.74
C GLU A 350 2.56 13.41 -19.05
N ALA A 351 3.58 13.98 -19.68
CA ALA A 351 4.10 13.46 -20.94
C ALA A 351 4.53 12.00 -20.80
N LEU A 352 5.30 11.72 -19.75
CA LEU A 352 5.77 10.36 -19.50
C LEU A 352 4.58 9.42 -19.25
N ARG A 353 3.69 9.86 -18.37
CA ARG A 353 2.51 9.09 -18.01
C ARG A 353 1.67 8.75 -19.24
N ASP A 354 1.36 9.79 -20.03
CA ASP A 354 0.54 9.60 -21.22
C ASP A 354 1.27 8.80 -22.29
N ARG A 355 2.52 9.15 -22.54
CA ARG A 355 3.33 8.46 -23.53
C ARG A 355 3.24 6.94 -23.40
N PHE A 356 3.00 6.45 -22.19
CA PHE A 356 2.90 5.00 -21.98
C PHE A 356 1.49 4.51 -21.67
N GLY A 357 0.49 5.37 -21.89
CA GLY A 357 -0.89 4.99 -21.66
C GLY A 357 -1.30 4.68 -20.23
N LEU A 358 -0.49 5.10 -19.27
CA LEU A 358 -0.77 4.86 -17.86
C LEU A 358 -1.88 5.76 -17.31
N PRO A 359 -2.82 5.17 -16.56
CA PRO A 359 -3.93 5.94 -15.99
C PRO A 359 -3.48 6.77 -14.80
N GLY A 360 -3.97 8.01 -14.74
CA GLY A 360 -3.64 8.88 -13.63
C GLY A 360 -4.74 8.88 -12.58
N MET A 361 -4.63 9.77 -11.59
CA MET A 361 -5.62 9.83 -10.53
C MET A 361 -6.32 11.16 -10.43
N LYS A 362 -7.51 11.14 -9.84
CA LYS A 362 -8.33 12.33 -9.63
C LYS A 362 -8.94 12.21 -8.23
N VAL A 363 -8.82 13.26 -7.41
CA VAL A 363 -9.37 13.26 -6.06
C VAL A 363 -10.39 14.40 -5.90
N LEU A 364 -11.65 14.04 -5.75
CA LEU A 364 -12.71 15.02 -5.63
C LEU A 364 -12.60 15.98 -4.46
N GLN A 365 -11.95 15.56 -3.38
CA GLN A 365 -11.77 16.42 -2.22
C GLN A 365 -10.89 17.64 -2.52
N PHE A 366 -10.15 17.58 -3.63
CA PHE A 366 -9.25 18.66 -4.04
C PHE A 366 -9.82 19.51 -5.17
N ALA A 367 -11.01 19.14 -5.64
CA ALA A 367 -11.61 19.84 -6.76
C ALA A 367 -12.41 21.11 -6.49
N PHE A 368 -12.61 21.50 -5.25
CA PHE A 368 -13.46 22.68 -5.01
C PHE A 368 -12.84 23.89 -4.32
N ASP A 369 -11.53 23.94 -4.23
CA ASP A 369 -10.89 25.08 -3.58
C ASP A 369 -10.56 26.19 -4.57
N ASN A 370 -11.05 26.09 -5.80
CA ASN A 370 -10.76 27.09 -6.81
C ASN A 370 -11.95 27.42 -7.72
N GLY A 371 -11.70 27.40 -9.02
CA GLY A 371 -12.74 27.68 -9.99
C GLY A 371 -12.98 26.50 -10.91
N MET A 372 -13.78 26.72 -11.95
CA MET A 372 -14.13 25.69 -12.93
C MET A 372 -12.96 25.03 -13.64
N GLU A 373 -11.78 25.63 -13.55
CA GLU A 373 -10.61 25.09 -14.23
C GLU A 373 -9.84 24.03 -13.44
N ASN A 374 -10.30 23.75 -12.21
CA ASN A 374 -9.64 22.76 -11.36
C ASN A 374 -9.65 21.40 -12.06
N PRO A 375 -8.47 20.85 -12.36
CA PRO A 375 -8.38 19.56 -13.05
C PRO A 375 -9.01 18.37 -12.33
N PHE A 376 -9.48 18.58 -11.11
CA PHE A 376 -10.11 17.49 -10.38
C PHE A 376 -11.63 17.48 -10.54
N LEU A 377 -12.17 18.57 -11.08
CA LEU A 377 -13.61 18.65 -11.34
C LEU A 377 -13.82 17.70 -12.52
N PRO A 378 -14.87 16.87 -12.46
CA PRO A 378 -15.21 15.90 -13.50
C PRO A 378 -15.27 16.37 -14.96
N HIS A 379 -15.74 17.58 -15.21
CA HIS A 379 -15.83 18.06 -16.59
C HIS A 379 -14.49 18.31 -17.25
N ASN A 380 -13.41 18.37 -16.46
CA ASN A 380 -12.07 18.59 -17.00
C ASN A 380 -11.27 17.29 -17.19
N TYR A 381 -11.87 16.15 -16.88
CA TYR A 381 -11.19 14.88 -17.03
C TYR A 381 -10.95 14.58 -18.51
N PRO A 382 -9.77 14.04 -18.85
CA PRO A 382 -9.44 13.72 -20.25
C PRO A 382 -10.53 12.90 -20.93
N GLU A 383 -10.76 13.17 -22.21
CA GLU A 383 -11.79 12.47 -22.96
C GLU A 383 -11.62 10.96 -22.99
N HIS A 384 -10.38 10.47 -23.06
CA HIS A 384 -10.18 9.02 -23.11
C HIS A 384 -10.61 8.38 -21.79
N GLY A 385 -10.86 9.21 -20.79
CA GLY A 385 -11.28 8.72 -19.49
C GLY A 385 -10.41 7.65 -18.87
N ARG A 386 -9.14 7.64 -19.25
CA ARG A 386 -8.19 6.66 -18.74
C ARG A 386 -7.62 7.19 -17.43
N VAL A 387 -8.50 7.38 -16.45
CA VAL A 387 -8.12 7.90 -15.15
C VAL A 387 -8.99 7.29 -14.03
N VAL A 388 -8.48 7.33 -12.80
CA VAL A 388 -9.21 6.78 -11.66
C VAL A 388 -9.63 7.90 -10.70
N VAL A 389 -10.94 8.04 -10.50
CA VAL A 389 -11.46 9.06 -9.60
C VAL A 389 -11.73 8.48 -8.21
N TYR A 390 -11.34 9.24 -7.18
CA TYR A 390 -11.55 8.84 -5.80
C TYR A 390 -12.23 10.03 -5.14
N THR A 391 -12.92 9.79 -4.03
CA THR A 391 -13.53 10.90 -3.30
C THR A 391 -12.38 11.41 -2.44
N GLY A 392 -11.61 10.44 -1.93
CA GLY A 392 -10.47 10.72 -1.09
C GLY A 392 -9.66 9.42 -0.99
N THR A 393 -8.36 9.52 -0.72
CA THR A 393 -7.54 8.33 -0.58
C THR A 393 -7.25 8.11 0.90
N HIS A 394 -6.40 7.14 1.21
CA HIS A 394 -6.06 6.85 2.61
C HIS A 394 -5.38 8.03 3.30
N ASP A 395 -4.71 8.89 2.54
CA ASP A 395 -4.04 10.05 3.14
C ASP A 395 -4.97 11.21 3.38
N ASN A 396 -6.18 11.13 2.84
CA ASN A 396 -7.14 12.21 3.05
C ASN A 396 -8.08 11.85 4.18
N ASP A 397 -8.72 12.85 4.75
CA ASP A 397 -9.69 12.62 5.80
C ASP A 397 -10.85 11.94 5.08
N THR A 398 -11.78 11.36 5.82
CA THR A 398 -12.95 10.73 5.20
C THR A 398 -13.66 11.91 4.52
N THR A 399 -14.50 11.63 3.54
CA THR A 399 -15.19 12.72 2.86
C THR A 399 -16.07 13.53 3.80
N LEU A 400 -16.78 12.88 4.71
CA LEU A 400 -17.61 13.61 5.66
C LEU A 400 -16.71 14.48 6.54
N GLY A 401 -15.56 13.94 6.94
CA GLY A 401 -14.64 14.70 7.78
C GLY A 401 -14.02 15.87 7.02
N TRP A 402 -13.80 15.70 5.72
CA TRP A 402 -13.24 16.74 4.89
C TRP A 402 -14.28 17.85 4.73
N TYR A 403 -15.52 17.43 4.49
CA TYR A 403 -16.61 18.38 4.32
C TYR A 403 -16.81 19.28 5.52
N ARG A 404 -16.76 18.70 6.71
CA ARG A 404 -16.96 19.44 7.95
C ARG A 404 -15.96 20.54 8.20
N THR A 405 -14.71 20.32 7.77
CA THR A 405 -13.67 21.30 7.97
C THR A 405 -13.35 22.13 6.74
N ALA A 406 -13.93 21.78 5.59
CA ALA A 406 -13.66 22.53 4.36
C ALA A 406 -14.04 24.01 4.48
N THR A 407 -13.40 24.87 3.69
CA THR A 407 -13.65 26.31 3.72
C THR A 407 -15.07 26.64 3.26
N PRO A 408 -15.52 27.87 3.56
CA PRO A 408 -16.86 28.32 3.18
C PRO A 408 -17.01 28.22 1.65
N HIS A 409 -15.96 28.61 0.94
CA HIS A 409 -15.93 28.56 -0.52
C HIS A 409 -16.12 27.13 -1.03
N GLU A 410 -15.32 26.21 -0.51
CA GLU A 410 -15.41 24.81 -0.94
C GLU A 410 -16.82 24.25 -0.71
N ARG A 411 -17.37 24.46 0.49
CA ARG A 411 -18.70 23.95 0.82
C ARG A 411 -19.76 24.50 -0.13
N ASP A 412 -19.70 25.80 -0.38
CA ASP A 412 -20.64 26.43 -1.28
C ASP A 412 -20.44 25.97 -2.72
N PHE A 413 -19.19 25.97 -3.18
CA PHE A 413 -18.89 25.56 -4.55
C PHE A 413 -19.30 24.11 -4.74
N LEU A 414 -19.15 23.30 -3.71
CA LEU A 414 -19.52 21.89 -3.76
C LEU A 414 -20.99 21.77 -4.13
N LYS A 415 -21.83 22.50 -3.40
CA LYS A 415 -23.27 22.47 -3.65
C LYS A 415 -23.58 22.92 -5.07
N ARG A 416 -23.11 24.12 -5.44
CA ARG A 416 -23.38 24.65 -6.77
C ARG A 416 -22.89 23.71 -7.87
N TYR A 417 -21.71 23.14 -7.69
CA TYR A 417 -21.17 22.24 -8.69
C TYR A 417 -22.00 20.97 -8.77
N LEU A 418 -22.33 20.41 -7.60
CA LEU A 418 -23.15 19.20 -7.58
C LEU A 418 -24.47 19.49 -8.29
N ALA A 419 -25.04 20.67 -8.02
CA ALA A 419 -26.30 21.07 -8.61
C ALA A 419 -26.25 20.99 -10.13
N ASP A 420 -25.16 21.49 -10.71
CA ASP A 420 -25.00 21.45 -12.16
C ASP A 420 -25.07 20.03 -12.67
N TRP A 421 -24.83 19.07 -11.80
CA TRP A 421 -24.89 17.67 -12.19
C TRP A 421 -26.18 16.99 -11.72
N GLY A 422 -27.16 17.78 -11.34
CA GLY A 422 -28.43 17.23 -10.89
C GLY A 422 -28.34 16.47 -9.57
N ILE A 423 -27.29 16.75 -8.81
CA ILE A 423 -27.09 16.10 -7.53
C ILE A 423 -27.29 17.12 -6.42
N THR A 424 -28.16 16.80 -5.46
CA THR A 424 -28.44 17.72 -4.37
C THR A 424 -28.43 16.96 -3.04
N PHE A 425 -28.13 17.66 -1.95
CA PHE A 425 -28.09 17.02 -0.64
C PHE A 425 -28.53 17.97 0.46
N ARG A 426 -29.09 17.41 1.53
CA ARG A 426 -29.56 18.19 2.66
C ARG A 426 -28.68 17.91 3.87
N GLU A 427 -28.71 16.67 4.32
CA GLU A 427 -27.94 16.23 5.47
C GLU A 427 -26.44 16.12 5.18
N GLU A 428 -25.66 16.51 6.18
CA GLU A 428 -24.21 16.47 6.13
C GLU A 428 -23.71 15.07 5.82
N ALA A 429 -24.29 14.07 6.47
CA ALA A 429 -23.89 12.68 6.27
C ALA A 429 -24.17 12.21 4.85
N GLU A 430 -24.89 13.04 4.09
CA GLU A 430 -25.24 12.74 2.71
C GLU A 430 -24.11 13.08 1.73
N VAL A 431 -23.23 14.01 2.11
CA VAL A 431 -22.13 14.43 1.24
C VAL A 431 -21.32 13.29 0.63
N PRO A 432 -20.81 12.35 1.45
CA PRO A 432 -20.02 11.25 0.88
C PRO A 432 -20.73 10.59 -0.31
N TRP A 433 -22.03 10.35 -0.19
CA TRP A 433 -22.76 9.74 -1.29
C TRP A 433 -22.95 10.65 -2.49
N ALA A 434 -23.13 11.95 -2.24
CA ALA A 434 -23.30 12.88 -3.34
C ALA A 434 -22.03 12.86 -4.20
N LEU A 435 -20.89 12.82 -3.55
CA LEU A 435 -19.63 12.81 -4.29
C LEU A 435 -19.38 11.47 -4.96
N MET A 436 -19.71 10.37 -4.29
CA MET A 436 -19.50 9.06 -4.89
C MET A 436 -20.34 8.97 -6.15
N ARG A 437 -21.51 9.60 -6.09
CA ARG A 437 -22.44 9.65 -7.20
C ARG A 437 -21.82 10.46 -8.33
N LEU A 438 -21.24 11.60 -7.99
CA LEU A 438 -20.59 12.46 -8.98
C LEU A 438 -19.47 11.66 -9.62
N GLY A 439 -18.71 10.95 -8.79
CA GLY A 439 -17.61 10.16 -9.32
C GLY A 439 -18.07 9.15 -10.35
N MET A 440 -19.08 8.37 -10.01
CA MET A 440 -19.58 7.36 -10.93
C MET A 440 -20.20 7.97 -12.19
N ALA A 441 -20.70 9.19 -12.09
CA ALA A 441 -21.31 9.85 -13.24
C ALA A 441 -20.27 10.46 -14.17
N SER A 442 -19.01 10.49 -13.75
CA SER A 442 -17.94 11.08 -14.56
C SER A 442 -17.39 10.19 -15.68
N ARG A 443 -16.53 10.78 -16.50
CA ARG A 443 -15.86 10.10 -17.62
C ARG A 443 -14.76 9.13 -17.17
N ALA A 444 -14.40 9.19 -15.90
CA ALA A 444 -13.35 8.31 -15.38
C ALA A 444 -13.76 6.85 -15.56
N ARG A 445 -13.00 6.10 -16.34
CA ARG A 445 -13.32 4.70 -16.59
C ARG A 445 -13.41 3.91 -15.30
N LEU A 446 -12.74 4.38 -14.26
CA LEU A 446 -12.76 3.68 -12.98
C LEU A 446 -12.87 4.63 -11.80
N ALA A 447 -13.76 4.28 -10.87
CA ALA A 447 -13.97 5.07 -9.67
C ALA A 447 -13.74 4.14 -8.49
N VAL A 448 -12.93 4.58 -7.53
CA VAL A 448 -12.66 3.78 -6.33
C VAL A 448 -12.95 4.62 -5.09
N TYR A 449 -13.66 4.02 -4.15
CA TYR A 449 -14.06 4.72 -2.94
C TYR A 449 -13.68 3.99 -1.66
N PRO A 450 -13.13 4.73 -0.68
CA PRO A 450 -12.75 4.09 0.57
C PRO A 450 -14.04 3.72 1.32
N VAL A 451 -14.01 2.59 2.00
CA VAL A 451 -15.19 2.13 2.74
C VAL A 451 -15.68 3.13 3.79
N GLN A 452 -14.80 3.97 4.33
CA GLN A 452 -15.24 4.94 5.34
C GLN A 452 -16.32 5.84 4.72
N ASP A 453 -16.19 6.14 3.43
CA ASP A 453 -17.19 6.99 2.81
C ASP A 453 -18.51 6.26 2.57
N VAL A 454 -18.43 4.96 2.28
CA VAL A 454 -19.65 4.16 2.05
C VAL A 454 -20.47 4.15 3.34
N LEU A 455 -19.78 4.27 4.47
CA LEU A 455 -20.44 4.29 5.77
C LEU A 455 -20.57 5.74 6.26
N ALA A 456 -20.13 6.68 5.43
CA ALA A 456 -20.18 8.10 5.79
C ALA A 456 -19.64 8.37 7.19
N LEU A 457 -18.51 7.76 7.52
CA LEU A 457 -17.89 7.97 8.84
C LEU A 457 -17.21 9.33 8.91
N GLY A 458 -16.98 9.82 10.14
CA GLY A 458 -16.32 11.10 10.29
C GLY A 458 -14.80 10.97 10.33
N SER A 459 -14.13 12.05 10.71
CA SER A 459 -12.68 12.11 10.77
C SER A 459 -11.98 11.06 11.66
N GLU A 460 -12.70 10.48 12.62
CA GLU A 460 -12.07 9.49 13.48
C GLU A 460 -11.80 8.17 12.75
N ALA A 461 -12.37 8.01 11.56
CA ALA A 461 -12.17 6.79 10.76
C ALA A 461 -11.11 7.02 9.66
N ARG A 462 -10.42 8.15 9.76
CA ARG A 462 -9.37 8.53 8.83
C ARG A 462 -8.24 7.50 8.85
N MET A 463 -7.90 6.93 7.69
CA MET A 463 -6.83 5.94 7.66
C MET A 463 -5.47 6.51 8.02
N ASN A 464 -5.07 7.59 7.36
CA ASN A 464 -3.77 8.19 7.65
C ASN A 464 -3.82 9.71 7.62
N TYR A 465 -3.13 10.33 8.57
CA TYR A 465 -3.07 11.78 8.66
C TYR A 465 -1.62 12.22 8.54
N PRO A 466 -1.17 12.54 7.31
CA PRO A 466 0.21 12.97 7.08
C PRO A 466 0.62 14.06 8.06
N GLY A 467 1.76 13.90 8.70
CA GLY A 467 2.22 14.89 9.65
C GLY A 467 1.88 14.53 11.09
N ARG A 468 0.81 13.74 11.28
CA ARG A 468 0.43 13.32 12.62
C ARG A 468 1.32 12.13 12.99
N PRO A 469 1.95 12.17 14.18
CA PRO A 469 2.84 11.11 14.65
C PRO A 469 2.22 9.88 15.33
N SER A 470 0.92 9.68 15.18
CA SER A 470 0.30 8.53 15.83
C SER A 470 -1.12 8.26 15.35
N GLY A 471 -1.66 7.13 15.78
CA GLY A 471 -3.02 6.76 15.44
C GLY A 471 -3.30 6.49 13.97
N ASN A 472 -2.25 6.29 13.18
CA ASN A 472 -2.46 6.04 11.76
C ASN A 472 -2.52 4.55 11.43
N TRP A 473 -3.13 4.24 10.30
CA TRP A 473 -3.25 2.86 9.81
C TRP A 473 -3.96 1.91 10.76
N ALA A 474 -4.75 2.48 11.67
CA ALA A 474 -5.45 1.67 12.66
C ALA A 474 -6.95 1.47 12.47
N TRP A 475 -7.62 2.37 11.75
CA TRP A 475 -9.06 2.21 11.56
C TRP A 475 -9.49 0.79 11.15
N ARG A 476 -10.58 0.31 11.72
CA ARG A 476 -11.10 -1.01 11.37
C ARG A 476 -12.61 -0.98 11.31
N LEU A 477 -13.19 -1.76 10.40
CA LEU A 477 -14.64 -1.88 10.32
C LEU A 477 -14.97 -2.66 11.60
N ARG A 478 -16.16 -2.43 12.14
CA ARG A 478 -16.57 -3.15 13.34
C ARG A 478 -17.45 -4.30 12.85
N PRO A 479 -17.60 -5.35 13.66
CA PRO A 479 -18.43 -6.48 13.22
C PRO A 479 -19.86 -6.03 12.86
N GLY A 480 -20.34 -6.49 11.72
CA GLY A 480 -21.69 -6.14 11.28
C GLY A 480 -21.92 -4.68 10.93
N GLU A 481 -20.86 -3.87 10.91
CA GLU A 481 -21.01 -2.47 10.59
C GLU A 481 -21.40 -2.25 9.14
N ILE A 482 -20.75 -2.98 8.24
CA ILE A 482 -21.05 -2.89 6.82
C ILE A 482 -22.19 -3.88 6.59
N LYS A 483 -23.23 -3.47 5.86
CA LYS A 483 -24.36 -4.37 5.65
C LYS A 483 -24.91 -4.37 4.23
N GLU A 484 -25.67 -5.40 3.90
CA GLU A 484 -26.27 -5.55 2.58
C GLU A 484 -26.86 -4.24 2.09
N GLU A 485 -27.48 -3.52 3.03
CA GLU A 485 -28.08 -2.22 2.75
C GLU A 485 -27.12 -1.34 1.92
N HIS A 486 -25.86 -1.29 2.33
CA HIS A 486 -24.86 -0.48 1.64
C HIS A 486 -24.51 -1.03 0.27
N GLY A 487 -24.40 -2.34 0.17
CA GLY A 487 -24.08 -2.96 -1.11
C GLY A 487 -25.16 -2.67 -2.12
N GLU A 488 -26.41 -2.86 -1.70
CA GLU A 488 -27.56 -2.60 -2.58
C GLU A 488 -27.55 -1.17 -3.09
N ARG A 489 -27.30 -0.21 -2.20
CA ARG A 489 -27.28 1.19 -2.61
C ARG A 489 -26.18 1.45 -3.64
N LEU A 490 -25.03 0.80 -3.48
CA LEU A 490 -23.93 0.96 -4.41
C LEU A 490 -24.29 0.37 -5.76
N LEU A 491 -24.86 -0.82 -5.75
CA LEU A 491 -25.27 -1.49 -6.99
C LEU A 491 -26.19 -0.55 -7.75
N SER A 492 -27.11 0.07 -7.01
CA SER A 492 -28.06 1.00 -7.61
C SER A 492 -27.34 2.11 -8.35
N LEU A 493 -26.43 2.77 -7.64
CA LEU A 493 -25.67 3.88 -8.20
C LEU A 493 -24.82 3.44 -9.39
N ALA A 494 -24.24 2.24 -9.30
CA ALA A 494 -23.41 1.72 -10.37
C ALA A 494 -24.23 1.39 -11.61
N GLU A 495 -25.43 0.85 -11.41
CA GLU A 495 -26.31 0.51 -12.53
C GLU A 495 -26.78 1.78 -13.21
N ALA A 496 -27.06 2.80 -12.42
CA ALA A 496 -27.53 4.08 -12.95
C ALA A 496 -26.50 4.79 -13.81
N THR A 497 -25.22 4.54 -13.56
CA THR A 497 -24.16 5.19 -14.32
C THR A 497 -23.50 4.30 -15.37
N GLY A 498 -24.00 3.07 -15.49
CA GLY A 498 -23.45 2.16 -16.47
C GLY A 498 -22.11 1.55 -16.09
N ARG A 499 -21.88 1.36 -14.79
CA ARG A 499 -20.62 0.79 -14.32
C ARG A 499 -20.79 -0.65 -13.86
N VAL A 500 -21.98 -1.20 -14.07
CA VAL A 500 -22.26 -2.59 -13.71
C VAL A 500 -22.15 -3.46 -14.95
#